data_4IJH
#
_entry.id   4IJH
#
_cell.length_a   37.871
_cell.length_b   52.629
_cell.length_c   54.518
_cell.angle_alpha   90.00
_cell.angle_beta   90.00
_cell.angle_gamma   90.00
#
_symmetry.space_group_name_H-M   'P 21 21 21'
#
loop_
_entity.id
_entity.type
_entity.pdbx_description
1 polymer 'Replication protein A 70 kDa DNA-binding subunit'
2 non-polymer '3-chloro-6-[3-(4-fluorophenyl)-5-sulfanyl-4H-1,2,4-triazol-4-yl]-1-benzothiophene-2-carboxylic acid'
3 water water
#
_entity_poly.entity_id   1
_entity_poly.type   'polypeptide(L)'
_entity_poly.pdbx_seq_one_letter_code
;GSHMVGQLSRGAIAAIMQKGDTNIKPILQVINIRPITTGNSPPRYRLLMSDGLNTLSSFMLATQLNPLVEEEQLSSNCVC
QIHRFIVNTLKDGRRVVILMELEVLKSAEAVGVKIGNPVPYNE
;
_entity_poly.pdbx_strand_id   A
#
# COMPACT_ATOMS: atom_id res chain seq x y z
N GLY A 1 -1.10 -20.11 -3.02
CA GLY A 1 -1.29 -21.04 -4.17
C GLY A 1 -0.65 -20.55 -5.46
N SER A 2 -0.87 -21.31 -6.52
N SER A 2 -0.87 -21.32 -6.51
CA SER A 2 -0.28 -21.03 -7.82
CA SER A 2 -0.30 -21.02 -7.82
C SER A 2 -0.86 -19.75 -8.43
C SER A 2 -0.76 -19.65 -8.31
N HIS A 3 -0.14 -19.19 -9.40
CA HIS A 3 -0.53 -17.91 -10.01
C HIS A 3 -0.56 -16.79 -9.00
N MET A 4 0.55 -16.55 -8.32
CA MET A 4 0.56 -15.61 -7.21
C MET A 4 0.17 -14.22 -7.64
N VAL A 5 0.44 -13.85 -8.90
CA VAL A 5 0.10 -12.51 -9.34
C VAL A 5 -1.42 -12.32 -9.38
N GLY A 6 -2.17 -13.43 -9.48
CA GLY A 6 -3.61 -13.39 -9.38
C GLY A 6 -4.15 -12.94 -8.04
N GLN A 7 -3.29 -12.87 -7.04
N GLN A 7 -3.28 -12.84 -7.05
CA GLN A 7 -3.67 -12.37 -5.72
CA GLN A 7 -3.67 -12.39 -5.72
C GLN A 7 -3.89 -10.88 -5.68
C GLN A 7 -3.85 -10.88 -5.64
N LEU A 8 -3.31 -10.17 -6.62
CA LEU A 8 -3.27 -8.70 -6.54
C LEU A 8 -4.17 -8.01 -7.57
N SER A 9 -4.65 -6.83 -7.22
CA SER A 9 -5.54 -6.08 -8.09
C SER A 9 -4.77 -5.36 -9.18
N ARG A 10 -4.26 -6.12 -10.15
CA ARG A 10 -3.52 -5.55 -11.27
C ARG A 10 -4.31 -4.43 -11.92
N GLY A 11 -3.68 -3.26 -12.02
CA GLY A 11 -4.31 -2.10 -12.63
C GLY A 11 -4.93 -1.13 -11.63
N ALA A 12 -4.96 -1.51 -10.37
CA ALA A 12 -5.56 -0.66 -9.37
C ALA A 12 -4.74 0.59 -9.13
N ILE A 13 -3.42 0.48 -9.18
CA ILE A 13 -2.62 1.68 -8.96
C ILE A 13 -2.91 2.69 -10.06
N ALA A 14 -2.95 2.29 -11.33
CA ALA A 14 -3.26 3.24 -12.38
C ALA A 14 -4.66 3.80 -12.20
N ALA A 15 -5.61 2.99 -11.76
CA ALA A 15 -6.98 3.44 -11.58
C ALA A 15 -7.04 4.50 -10.49
N ILE A 16 -6.30 4.30 -9.42
CA ILE A 16 -6.29 5.26 -8.31
C ILE A 16 -5.71 6.58 -8.78
N MET A 17 -4.59 6.49 -9.49
CA MET A 17 -3.84 7.69 -9.84
C MET A 17 -4.38 8.43 -11.04
N GLN A 18 -5.01 7.73 -11.98
CA GLN A 18 -5.46 8.35 -13.23
C GLN A 18 -6.94 8.66 -13.19
N LYS A 19 -7.74 7.70 -12.72
CA LYS A 19 -9.21 7.84 -12.72
C LYS A 19 -9.70 8.44 -11.42
N GLY A 20 -8.91 8.27 -10.36
CA GLY A 20 -9.30 8.71 -9.04
C GLY A 20 -10.46 7.91 -8.47
N ASP A 21 -10.49 6.62 -8.81
CA ASP A 21 -11.49 5.70 -8.29
C ASP A 21 -11.25 5.45 -6.81
N THR A 22 -12.23 5.70 -5.94
CA THR A 22 -12.07 5.39 -4.51
C THR A 22 -13.07 4.34 -4.03
N ASN A 23 -13.91 3.86 -4.93
CA ASN A 23 -14.86 2.84 -4.54
CA ASN A 23 -14.88 2.81 -4.64
C ASN A 23 -14.27 1.42 -4.55
N ILE A 24 -13.23 1.21 -5.33
CA ILE A 24 -12.53 -0.07 -5.37
C ILE A 24 -11.95 -0.38 -3.97
N LYS A 25 -11.84 -1.66 -3.66
CA LYS A 25 -11.17 -2.10 -2.43
C LYS A 25 -10.02 -3.03 -2.83
N PRO A 26 -9.00 -2.44 -3.44
CA PRO A 26 -8.02 -3.27 -4.12
C PRO A 26 -7.12 -4.04 -3.17
N ILE A 27 -6.60 -5.16 -3.69
CA ILE A 27 -5.62 -5.96 -2.95
C ILE A 27 -4.22 -5.66 -3.48
N LEU A 28 -3.34 -5.18 -2.59
CA LEU A 28 -2.00 -4.74 -2.92
C LEU A 28 -0.99 -5.44 -2.03
N GLN A 29 0.25 -5.52 -2.48
CA GLN A 29 1.29 -6.09 -1.65
C GLN A 29 2.18 -4.97 -1.13
N VAL A 30 2.53 -5.05 0.15
CA VAL A 30 3.56 -4.17 0.70
C VAL A 30 4.92 -4.64 0.23
N ILE A 31 5.66 -3.73 -0.40
CA ILE A 31 7.04 -4.01 -0.79
C ILE A 31 8.00 -3.43 0.26
N ASN A 32 7.74 -2.21 0.71
CA ASN A 32 8.55 -1.65 1.80
C ASN A 32 7.77 -0.62 2.58
N ILE A 33 8.23 -0.36 3.81
CA ILE A 33 7.63 0.64 4.69
CA ILE A 33 7.65 0.67 4.63
C ILE A 33 8.77 1.40 5.35
N ARG A 34 8.65 2.72 5.43
CA ARG A 34 9.66 3.49 6.15
C ARG A 34 9.03 4.69 6.82
N PRO A 35 9.60 5.18 7.91
CA PRO A 35 9.08 6.43 8.47
C PRO A 35 9.51 7.61 7.63
N ILE A 36 8.74 8.71 7.71
CA ILE A 36 9.23 9.99 7.19
C ILE A 36 9.60 10.90 8.35
N THR A 37 10.24 12.03 8.03
CA THR A 37 10.73 12.96 9.05
C THR A 37 9.60 13.86 9.52
N THR A 38 9.19 13.72 10.78
CA THR A 38 8.00 14.49 11.23
C THR A 38 8.23 15.42 12.42
N GLY A 39 9.46 15.50 12.90
CA GLY A 39 9.76 16.35 14.05
C GLY A 39 8.94 15.95 15.26
N ASN A 40 8.39 16.95 15.95
CA ASN A 40 7.63 16.69 17.17
C ASN A 40 6.13 16.58 16.92
N SER A 41 5.80 15.76 15.94
CA SER A 41 4.44 15.38 15.70
C SER A 41 4.50 13.87 15.56
N PRO A 42 3.35 13.21 15.41
CA PRO A 42 3.31 11.74 15.39
C PRO A 42 4.21 11.15 14.31
N PRO A 43 4.87 10.01 14.59
CA PRO A 43 5.57 9.32 13.49
C PRO A 43 4.58 8.97 12.39
N ARG A 44 5.04 8.93 11.14
CA ARG A 44 4.20 8.63 10.01
C ARG A 44 4.95 7.71 9.08
N TYR A 45 4.23 6.76 8.49
CA TYR A 45 4.83 5.73 7.66
C TYR A 45 4.42 5.87 6.20
N ARG A 46 5.42 5.80 5.32
CA ARG A 46 5.23 5.78 3.89
C ARG A 46 5.49 4.38 3.35
N LEU A 47 4.74 3.98 2.34
CA LEU A 47 4.81 2.60 1.85
C LEU A 47 5.03 2.58 0.36
N LEU A 48 5.86 1.63 -0.05
CA LEU A 48 5.98 1.23 -1.42
C LEU A 48 5.08 0.01 -1.58
N MET A 49 4.03 0.14 -2.39
CA MET A 49 3.08 -0.94 -2.59
CA MET A 49 3.07 -0.91 -2.61
C MET A 49 3.06 -1.36 -4.05
N SER A 50 2.60 -2.60 -4.26
CA SER A 50 2.51 -3.19 -5.59
C SER A 50 1.13 -3.72 -5.88
N ASP A 51 0.66 -3.54 -7.12
CA ASP A 51 -0.59 -4.17 -7.57
C ASP A 51 -0.27 -5.34 -8.52
N GLY A 52 0.99 -5.76 -8.57
CA GLY A 52 1.38 -6.82 -9.48
C GLY A 52 1.95 -6.35 -10.81
N LEU A 53 1.46 -5.21 -11.29
CA LEU A 53 1.94 -4.60 -12.53
C LEU A 53 2.86 -3.43 -12.22
N ASN A 54 2.42 -2.61 -11.26
CA ASN A 54 3.12 -1.40 -10.88
C ASN A 54 3.48 -1.41 -9.40
N THR A 55 4.57 -0.73 -9.08
CA THR A 55 4.78 -0.26 -7.70
C THR A 55 4.52 1.25 -7.63
N LEU A 56 4.21 1.74 -6.44
CA LEU A 56 4.06 3.18 -6.22
C LEU A 56 4.51 3.45 -4.81
N SER A 57 5.30 4.49 -4.63
CA SER A 57 5.92 4.77 -3.36
C SER A 57 5.19 5.88 -2.60
N SER A 58 4.07 6.36 -3.14
CA SER A 58 3.39 7.49 -2.53
CA SER A 58 3.37 7.49 -2.57
C SER A 58 2.15 7.11 -1.72
N PHE A 59 2.26 6.03 -0.98
CA PHE A 59 1.25 5.66 -0.02
C PHE A 59 1.74 6.05 1.35
N MET A 60 0.79 6.43 2.17
CA MET A 60 1.03 6.71 3.58
CA MET A 60 1.04 6.63 3.58
C MET A 60 -0.03 5.99 4.40
N LEU A 61 0.32 5.55 5.58
CA LEU A 61 -0.69 5.03 6.51
C LEU A 61 -1.32 6.20 7.21
N ALA A 62 -2.64 6.18 7.33
CA ALA A 62 -3.26 7.09 8.25
C ALA A 62 -2.66 6.85 9.63
N THR A 63 -2.53 7.88 10.44
CA THR A 63 -1.98 7.74 11.78
CA THR A 63 -1.94 7.71 11.77
C THR A 63 -2.67 6.63 12.59
N GLN A 64 -3.97 6.49 12.38
CA GLN A 64 -4.76 5.52 13.13
C GLN A 64 -4.31 4.08 12.83
N LEU A 65 -3.62 3.86 11.72
CA LEU A 65 -3.12 2.53 11.38
C LEU A 65 -1.68 2.26 11.81
N ASN A 66 -1.03 3.24 12.45
CA ASN A 66 0.36 3.02 12.87
C ASN A 66 0.56 1.74 13.68
N PRO A 67 -0.41 1.37 14.55
CA PRO A 67 -0.10 0.16 15.33
C PRO A 67 0.08 -1.10 14.46
N LEU A 68 -0.43 -1.12 13.26
CA LEU A 68 -0.26 -2.31 12.40
C LEU A 68 1.20 -2.49 12.06
N VAL A 69 1.92 -1.38 11.89
CA VAL A 69 3.36 -1.48 11.63
C VAL A 69 4.14 -1.73 12.92
N GLU A 70 3.73 -1.04 13.98
CA GLU A 70 4.50 -1.07 15.21
C GLU A 70 4.36 -2.39 15.94
N GLU A 71 3.23 -3.06 15.80
CA GLU A 71 2.89 -4.18 16.68
C GLU A 71 2.40 -5.44 16.00
N GLU A 72 1.88 -5.31 14.78
CA GLU A 72 1.21 -6.42 14.16
C GLU A 72 1.78 -6.83 12.78
N GLN A 73 3.06 -6.51 12.59
CA GLN A 73 3.86 -7.10 11.52
C GLN A 73 3.38 -6.75 10.10
N LEU A 74 2.57 -5.69 9.94
CA LEU A 74 2.34 -5.12 8.61
C LEU A 74 3.72 -4.77 8.14
N SER A 75 4.21 -5.48 7.13
CA SER A 75 5.61 -5.42 6.79
C SER A 75 5.79 -5.90 5.38
N SER A 76 7.02 -5.79 4.89
CA SER A 76 7.34 -6.18 3.53
CA SER A 76 7.35 -6.18 3.53
C SER A 76 6.87 -7.59 3.21
N ASN A 77 6.19 -7.71 2.08
CA ASN A 77 5.68 -8.94 1.50
C ASN A 77 4.24 -9.25 1.88
N CYS A 78 3.67 -8.60 2.89
CA CYS A 78 2.29 -8.94 3.21
CA CYS A 78 2.26 -8.76 3.27
C CYS A 78 1.34 -8.44 2.13
N VAL A 79 0.24 -9.16 2.01
CA VAL A 79 -0.79 -8.87 1.04
C VAL A 79 -2.02 -8.36 1.79
N CYS A 80 -2.50 -7.19 1.38
CA CYS A 80 -3.60 -6.58 2.11
CA CYS A 80 -3.53 -6.44 2.11
C CYS A 80 -4.65 -5.98 1.22
N GLN A 81 -5.87 -5.97 1.75
CA GLN A 81 -6.97 -5.37 1.07
C GLN A 81 -7.18 -3.98 1.62
N ILE A 82 -7.27 -3.01 0.72
CA ILE A 82 -7.50 -1.62 1.12
C ILE A 82 -9.01 -1.36 1.17
N HIS A 83 -9.54 -1.23 2.36
CA HIS A 83 -10.97 -1.04 2.53
C HIS A 83 -11.42 0.41 2.42
N ARG A 84 -10.52 1.33 2.76
CA ARG A 84 -10.83 2.75 2.64
C ARG A 84 -9.54 3.50 2.43
N PHE A 85 -9.55 4.40 1.46
CA PHE A 85 -8.41 5.28 1.24
C PHE A 85 -8.89 6.60 0.64
N ILE A 86 -8.04 7.61 0.78
CA ILE A 86 -8.25 8.85 0.05
C ILE A 86 -6.96 9.27 -0.61
N VAL A 87 -7.08 10.20 -1.53
CA VAL A 87 -5.90 10.79 -2.13
C VAL A 87 -5.84 12.28 -1.77
N ASN A 88 -4.69 12.72 -1.28
CA ASN A 88 -4.47 14.13 -0.99
C ASN A 88 -3.35 14.63 -1.87
N THR A 89 -3.38 15.90 -2.18
CA THR A 89 -2.40 16.53 -3.05
C THR A 89 -1.68 17.57 -2.23
N LEU A 90 -0.36 17.55 -2.32
CA LEU A 90 0.46 18.53 -1.63
C LEU A 90 0.75 19.74 -2.53
N LYS A 91 1.36 20.76 -1.94
CA LYS A 91 1.54 22.03 -2.64
C LYS A 91 2.34 21.90 -3.92
N ASP A 92 3.28 20.95 -3.93
CA ASP A 92 4.11 20.77 -5.10
C ASP A 92 3.41 19.98 -6.21
N GLY A 93 2.21 19.48 -5.94
CA GLY A 93 1.42 18.81 -6.95
C GLY A 93 1.51 17.29 -6.86
N ARG A 94 2.40 16.77 -6.02
CA ARG A 94 2.44 15.34 -5.85
C ARG A 94 1.27 14.83 -5.02
N ARG A 95 0.87 13.60 -5.31
CA ARG A 95 -0.26 12.99 -4.64
C ARG A 95 0.17 11.90 -3.73
N VAL A 96 -0.58 11.75 -2.65
CA VAL A 96 -0.30 10.77 -1.62
C VAL A 96 -1.59 10.03 -1.38
N VAL A 97 -1.50 8.71 -1.43
CA VAL A 97 -2.65 7.86 -1.21
C VAL A 97 -2.61 7.46 0.24
N ILE A 98 -3.56 7.98 1.02
CA ILE A 98 -3.60 7.67 2.45
C ILE A 98 -4.52 6.51 2.72
N LEU A 99 -3.92 5.45 3.27
CA LEU A 99 -4.66 4.23 3.60
C LEU A 99 -5.34 4.42 4.96
N MET A 100 -6.66 4.36 4.96
CA MET A 100 -7.44 4.65 6.16
CA MET A 100 -7.43 4.65 6.17
C MET A 100 -7.90 3.37 6.87
N GLU A 101 -8.23 2.35 6.08
CA GLU A 101 -8.60 1.03 6.63
C GLU A 101 -7.98 0.01 5.72
N LEU A 102 -7.32 -0.97 6.33
CA LEU A 102 -6.81 -2.08 5.55
C LEU A 102 -6.80 -3.33 6.38
N GLU A 103 -6.86 -4.43 5.65
CA GLU A 103 -6.88 -5.76 6.21
CA GLU A 103 -6.88 -5.76 6.24
C GLU A 103 -5.71 -6.56 5.68
N VAL A 104 -4.97 -7.20 6.55
CA VAL A 104 -3.90 -8.07 6.08
C VAL A 104 -4.55 -9.43 5.75
N LEU A 105 -4.54 -9.80 4.46
CA LEU A 105 -5.08 -11.07 4.02
C LEU A 105 -4.06 -12.22 4.19
N LYS A 106 -2.80 -11.89 3.92
CA LYS A 106 -1.73 -12.86 4.09
C LYS A 106 -0.53 -12.18 4.72
N SER A 107 0.00 -12.76 5.80
CA SER A 107 1.16 -12.20 6.47
C SER A 107 2.38 -12.26 5.57
N ALA A 108 3.36 -11.44 5.88
CA ALA A 108 4.62 -11.44 5.17
C ALA A 108 5.19 -12.83 5.13
N GLU A 109 5.09 -13.55 6.25
CA GLU A 109 5.74 -14.84 6.37
C GLU A 109 5.03 -15.90 5.54
N ALA A 110 3.74 -15.69 5.28
CA ALA A 110 2.95 -16.59 4.47
C ALA A 110 3.08 -16.35 2.98
N VAL A 111 3.65 -15.20 2.59
CA VAL A 111 3.83 -14.87 1.19
C VAL A 111 5.34 -15.01 0.83
N GLY A 112 6.19 -14.23 1.48
CA GLY A 112 7.62 -14.49 1.50
C GLY A 112 8.42 -13.88 0.36
N VAL A 113 7.74 -13.38 -0.66
CA VAL A 113 8.42 -12.89 -1.86
C VAL A 113 7.64 -11.75 -2.46
N LYS A 114 8.31 -10.87 -3.21
CA LYS A 114 7.65 -9.89 -4.05
C LYS A 114 6.99 -10.60 -5.21
N ILE A 115 5.67 -10.50 -5.28
CA ILE A 115 4.89 -11.18 -6.32
C ILE A 115 5.05 -10.51 -7.66
N GLY A 116 5.24 -11.31 -8.69
CA GLY A 116 5.38 -10.80 -10.04
C GLY A 116 6.61 -9.95 -10.22
N ASN A 117 6.53 -9.05 -11.20
CA ASN A 117 7.66 -8.22 -11.60
C ASN A 117 7.15 -6.81 -11.83
N PRO A 118 6.63 -6.20 -10.77
CA PRO A 118 6.04 -4.87 -10.94
C PRO A 118 7.09 -3.80 -11.22
N VAL A 119 6.69 -2.80 -12.00
CA VAL A 119 7.59 -1.69 -12.32
C VAL A 119 7.02 -0.38 -11.82
N PRO A 120 7.87 0.61 -11.58
CA PRO A 120 7.38 1.86 -10.99
C PRO A 120 6.34 2.54 -11.85
N TYR A 121 5.29 3.03 -11.21
CA TYR A 121 4.29 3.87 -11.86
C TYR A 121 4.85 5.27 -12.00
N ASN A 122 4.71 5.83 -13.18
CA ASN A 122 5.32 7.12 -13.44
C ASN A 122 4.27 8.21 -13.33
N GLU A 123 4.29 8.90 -12.19
CA GLU A 123 3.39 10.02 -11.95
C GLU A 123 1.96 9.66 -12.34
#